data_1NUR
#
_entry.id   1NUR
#
_cell.length_a   79.355
_cell.length_b   79.355
_cell.length_c   146.240
_cell.angle_alpha   90.00
_cell.angle_beta   90.00
_cell.angle_gamma   90.00
#
_symmetry.space_group_name_H-M   'P 43 21 2'
#
loop_
_entity.id
_entity.type
_entity.pdbx_description
1 polymer FKSG76
2 non-polymer 'SULFATE ION'
3 water water
#
_entity_poly.entity_id   1
_entity_poly.type   'polypeptide(L)'
_entity_poly.pdbx_seq_one_letter_code
;MKSRIPVVLLACGSFNPITNMHLRMFEVARDHLHQTGMYQVIQGIISPVNDTYGKKDLAASHHRVAMARLALQTSDWIRV
DPWESEQAQWMETVKVLRHHHSKLLRSPPQMEGPDHGKALFSTPAAVPELKLLCGADVLKTFQTPNLWKDAHIQEIVEKF
GLVCVGRVSHDPKGYIAESPILRMHQHNIHLAKEPVQNEISATYIRRALGQGQSVKYLIPDAVITYIKDHGLYTKGSTWK
GKSTQSTEGKTS
;
_entity_poly.pdbx_strand_id   A,B
#
loop_
_chem_comp.id
_chem_comp.type
_chem_comp.name
_chem_comp.formula
SO4 non-polymer 'SULFATE ION' 'O4 S -2'
#
# COMPACT_ATOMS: atom_id res chain seq x y z
N SER A 3 -33.02 5.38 19.48
CA SER A 3 -32.01 6.37 18.99
C SER A 3 -30.68 5.75 18.57
N ARG A 4 -29.59 6.54 18.64
CA ARG A 4 -28.30 6.05 18.18
C ARG A 4 -27.18 5.63 19.13
N ILE A 5 -26.28 4.80 18.59
CA ILE A 5 -25.13 4.30 19.29
C ILE A 5 -24.05 5.40 19.20
N PRO A 6 -23.54 5.88 20.34
CA PRO A 6 -22.50 6.92 20.36
C PRO A 6 -21.21 6.26 19.88
N VAL A 7 -20.43 6.99 19.08
CA VAL A 7 -19.20 6.48 18.53
C VAL A 7 -18.05 7.49 18.61
N VAL A 8 -16.86 6.96 18.88
CA VAL A 8 -15.65 7.75 18.95
C VAL A 8 -14.80 7.16 17.83
N LEU A 9 -14.16 8.01 17.03
CA LEU A 9 -13.31 7.57 15.94
C LEU A 9 -11.84 7.79 16.33
N LEU A 10 -11.02 6.76 16.16
CA LEU A 10 -9.62 6.89 16.51
C LEU A 10 -8.73 6.72 15.29
N ALA A 11 -7.84 7.68 15.04
CA ALA A 11 -6.92 7.53 13.90
C ALA A 11 -5.48 7.44 14.37
N CYS A 12 -4.83 6.35 13.96
CA CYS A 12 -3.43 6.11 14.30
C CYS A 12 -2.62 6.39 13.05
N GLY A 13 -1.34 6.68 13.22
CA GLY A 13 -0.50 6.96 12.07
C GLY A 13 0.63 7.89 12.50
N SER A 14 1.51 8.24 11.59
CA SER A 14 2.58 9.12 12.01
C SER A 14 2.23 10.61 12.01
N PHE A 15 1.26 11.02 11.17
CA PHE A 15 0.89 12.44 11.08
C PHE A 15 2.19 13.25 11.08
N ASN A 16 2.97 13.02 10.02
CA ASN A 16 4.30 13.59 9.83
C ASN A 16 4.46 14.37 8.51
N PRO A 17 3.72 15.48 8.34
CA PRO A 17 2.77 16.13 9.27
C PRO A 17 1.32 15.74 9.00
N ILE A 18 0.42 16.16 9.87
CA ILE A 18 -1.00 15.89 9.62
C ILE A 18 -1.38 16.69 8.34
N THR A 19 -2.22 16.13 7.48
CA THR A 19 -2.59 16.81 6.23
C THR A 19 -4.09 17.08 6.12
N ASN A 20 -4.47 17.82 5.07
CA ASN A 20 -5.89 18.12 4.84
C ASN A 20 -6.65 16.83 4.60
N MET A 21 -6.00 15.88 3.91
CA MET A 21 -6.57 14.57 3.66
C MET A 21 -6.82 13.75 4.93
N HIS A 22 -5.90 13.78 5.90
CA HIS A 22 -6.09 13.01 7.15
C HIS A 22 -7.33 13.56 7.86
N LEU A 23 -7.52 14.87 7.78
CA LEU A 23 -8.64 15.55 8.43
C LEU A 23 -9.93 15.26 7.69
N ARG A 24 -9.83 15.29 6.37
CA ARG A 24 -10.95 14.98 5.48
C ARG A 24 -11.53 13.61 5.83
N MET A 25 -10.64 12.66 6.10
CA MET A 25 -11.05 11.30 6.42
C MET A 25 -12.03 11.22 7.57
N PHE A 26 -11.82 12.03 8.62
CA PHE A 26 -12.72 12.04 9.78
C PHE A 26 -14.11 12.51 9.37
N GLU A 27 -14.17 13.61 8.60
CA GLU A 27 -15.43 14.20 8.15
C GLU A 27 -16.19 13.18 7.27
N VAL A 28 -15.49 12.54 6.35
CA VAL A 28 -16.19 11.56 5.52
C VAL A 28 -16.67 10.36 6.39
N ALA A 29 -15.85 9.92 7.32
CA ALA A 29 -16.21 8.80 8.19
C ALA A 29 -17.45 9.19 9.03
N ARG A 30 -17.44 10.41 9.59
CA ARG A 30 -18.59 10.84 10.38
C ARG A 30 -19.89 10.95 9.55
N ASP A 31 -19.84 11.55 8.37
CA ASP A 31 -21.06 11.64 7.57
C ASP A 31 -21.59 10.25 7.21
N HIS A 32 -20.68 9.33 6.90
CA HIS A 32 -21.08 7.97 6.55
C HIS A 32 -21.80 7.26 7.70
N LEU A 33 -21.20 7.25 8.89
CA LEU A 33 -21.82 6.62 10.06
C LEU A 33 -23.19 7.25 10.40
N HIS A 34 -23.31 8.58 10.23
CA HIS A 34 -24.58 9.24 10.54
C HIS A 34 -25.64 8.87 9.53
N GLN A 35 -25.26 8.78 8.26
CA GLN A 35 -26.20 8.44 7.21
C GLN A 35 -26.76 7.03 7.31
N THR A 36 -26.18 6.18 8.15
CA THR A 36 -26.71 4.82 8.30
C THR A 36 -27.89 4.96 9.24
N GLY A 37 -27.99 6.12 9.89
CA GLY A 37 -29.07 6.36 10.83
C GLY A 37 -28.96 5.69 12.18
N MET A 38 -27.89 4.95 12.45
CA MET A 38 -27.80 4.28 13.74
C MET A 38 -26.60 4.66 14.60
N TYR A 39 -25.81 5.62 14.15
CA TYR A 39 -24.66 6.03 14.93
C TYR A 39 -24.65 7.52 15.05
N GLN A 40 -24.03 8.00 16.11
CA GLN A 40 -23.85 9.42 16.34
C GLN A 40 -22.38 9.56 16.76
N VAL A 41 -21.54 10.12 15.88
CA VAL A 41 -20.13 10.27 16.20
C VAL A 41 -20.01 11.46 17.17
N ILE A 42 -19.48 11.20 18.36
CA ILE A 42 -19.36 12.26 19.34
C ILE A 42 -17.95 12.82 19.47
N GLN A 43 -16.98 12.13 18.87
CA GLN A 43 -15.63 12.62 18.94
C GLN A 43 -14.65 11.89 18.05
N GLY A 44 -13.59 12.61 17.69
CA GLY A 44 -12.52 12.05 16.89
C GLY A 44 -11.22 12.26 17.64
N ILE A 45 -10.33 11.29 17.52
CA ILE A 45 -9.05 11.36 18.19
C ILE A 45 -7.90 11.08 17.22
N ILE A 46 -6.92 11.98 17.17
CA ILE A 46 -5.72 11.81 16.33
C ILE A 46 -4.66 11.35 17.34
N SER A 47 -4.09 10.17 17.11
CA SER A 47 -3.08 9.62 18.02
C SER A 47 -1.79 9.40 17.24
N PRO A 48 -0.87 10.37 17.29
CA PRO A 48 0.40 10.21 16.55
C PRO A 48 1.24 9.07 17.09
N VAL A 49 1.89 8.34 16.20
CA VAL A 49 2.73 7.21 16.59
C VAL A 49 3.90 7.69 17.44
N ASN A 50 4.37 6.86 18.36
CA ASN A 50 5.46 7.30 19.21
C ASN A 50 6.75 7.28 18.38
N ASP A 51 7.77 7.98 18.86
CA ASP A 51 9.04 8.06 18.13
C ASP A 51 9.92 6.82 17.92
N THR A 52 9.70 5.74 18.67
CA THR A 52 10.54 4.55 18.51
C THR A 52 10.15 3.69 17.31
N TYR A 53 8.95 3.94 16.77
CA TYR A 53 8.43 3.18 15.65
C TYR A 53 9.12 3.33 14.29
N GLY A 54 9.04 2.23 13.53
CA GLY A 54 9.57 2.19 12.19
C GLY A 54 11.07 2.34 11.98
N LYS A 55 11.41 2.48 10.71
CA LYS A 55 12.80 2.65 10.31
C LYS A 55 12.87 3.83 9.33
N LYS A 56 11.89 4.71 9.42
CA LYS A 56 11.83 5.88 8.58
C LYS A 56 11.75 7.07 9.52
N ASP A 57 12.58 8.07 9.25
CA ASP A 57 12.61 9.27 10.08
C ASP A 57 11.29 10.01 10.21
N LEU A 58 11.01 10.45 11.42
CA LEU A 58 9.80 11.18 11.74
C LEU A 58 10.18 12.42 12.53
N ALA A 59 9.43 13.50 12.35
CA ALA A 59 9.72 14.68 13.14
C ALA A 59 9.43 14.18 14.55
N ALA A 60 10.02 14.80 15.56
CA ALA A 60 9.76 14.35 16.93
C ALA A 60 8.26 14.40 17.25
N SER A 61 7.81 13.45 18.07
CA SER A 61 6.42 13.37 18.49
C SER A 61 5.92 14.67 19.10
N HIS A 62 6.82 15.41 19.73
CA HIS A 62 6.43 16.67 20.33
C HIS A 62 5.85 17.62 19.27
N HIS A 63 6.54 17.67 18.12
CA HIS A 63 6.12 18.51 17.01
C HIS A 63 4.87 17.96 16.29
N ARG A 64 4.79 16.64 16.16
CA ARG A 64 3.66 16.04 15.46
C ARG A 64 2.37 16.24 16.25
N VAL A 65 2.44 16.16 17.59
CA VAL A 65 1.27 16.42 18.42
C VAL A 65 0.93 17.93 18.32
N ALA A 66 1.94 18.79 18.32
CA ALA A 66 1.69 20.25 18.26
C ALA A 66 0.99 20.61 16.96
N MET A 67 1.48 20.07 15.86
CA MET A 67 0.90 20.34 14.53
C MET A 67 -0.54 19.85 14.45
N ALA A 68 -0.81 18.66 15.00
CA ALA A 68 -2.18 18.13 14.99
C ALA A 68 -3.10 19.07 15.83
N ARG A 69 -2.61 19.53 17.01
CA ARG A 69 -3.38 20.42 17.86
C ARG A 69 -3.69 21.74 17.11
N LEU A 70 -2.68 22.31 16.47
CA LEU A 70 -2.88 23.55 15.72
C LEU A 70 -3.85 23.31 14.56
N ALA A 71 -3.70 22.18 13.87
CA ALA A 71 -4.59 21.85 12.75
C ALA A 71 -6.04 21.65 13.20
N LEU A 72 -6.22 21.18 14.43
CA LEU A 72 -7.55 20.90 14.97
C LEU A 72 -8.21 22.04 15.72
N GLN A 73 -7.57 23.19 15.73
CA GLN A 73 -8.14 24.34 16.41
C GLN A 73 -9.50 24.72 15.84
N THR A 74 -9.69 24.59 14.53
CA THR A 74 -10.98 24.94 13.91
C THR A 74 -11.94 23.74 13.83
N SER A 75 -11.66 22.69 14.59
CA SER A 75 -12.53 21.53 14.63
C SER A 75 -13.22 21.55 15.97
N ASP A 76 -14.51 21.31 15.98
CA ASP A 76 -15.18 21.30 17.27
C ASP A 76 -15.44 19.85 17.75
N TRP A 77 -14.86 18.85 17.09
CA TRP A 77 -15.09 17.48 17.55
C TRP A 77 -13.88 16.53 17.49
N ILE A 78 -12.80 16.96 16.84
CA ILE A 78 -11.59 16.14 16.72
C ILE A 78 -10.47 16.75 17.56
N ARG A 79 -9.76 15.92 18.30
CA ARG A 79 -8.66 16.38 19.13
C ARG A 79 -7.48 15.44 19.03
N VAL A 80 -6.29 15.95 19.32
CA VAL A 80 -5.13 15.12 19.26
C VAL A 80 -4.94 14.56 20.68
N ASP A 81 -4.56 13.30 20.79
CA ASP A 81 -4.30 12.74 22.13
C ASP A 81 -2.87 12.21 22.08
N PRO A 82 -1.97 12.81 22.87
CA PRO A 82 -0.56 12.42 22.92
C PRO A 82 -0.19 11.15 23.68
N TRP A 83 -1.17 10.53 24.35
CA TRP A 83 -0.89 9.34 25.15
C TRP A 83 -0.01 8.30 24.47
N GLU A 84 -0.39 7.89 23.27
CA GLU A 84 0.38 6.90 22.57
C GLU A 84 1.84 7.31 22.33
N SER A 85 2.04 8.57 21.93
CA SER A 85 3.38 9.06 21.63
C SER A 85 4.23 9.32 22.89
N GLU A 86 3.59 9.43 24.04
CA GLU A 86 4.28 9.67 25.29
C GLU A 86 4.72 8.36 25.95
N GLN A 87 4.32 7.23 25.38
CA GLN A 87 4.70 5.94 25.96
C GLN A 87 6.16 5.68 25.68
N ALA A 88 6.81 4.92 26.57
CA ALA A 88 8.22 4.60 26.42
C ALA A 88 8.51 3.96 25.09
N GLN A 89 7.64 3.05 24.66
CA GLN A 89 7.86 2.38 23.38
C GLN A 89 6.63 2.33 22.48
N TRP A 90 6.87 1.95 21.23
CA TRP A 90 5.82 1.80 20.22
C TRP A 90 4.83 0.75 20.70
N MET A 91 3.57 0.96 20.38
CA MET A 91 2.51 0.08 20.81
C MET A 91 1.69 -0.45 19.65
N GLU A 92 1.21 -1.69 19.74
CA GLU A 92 0.39 -2.23 18.66
C GLU A 92 -0.94 -1.51 18.67
N THR A 93 -1.54 -1.43 17.49
CA THR A 93 -2.81 -0.74 17.33
C THR A 93 -3.85 -1.19 18.32
N VAL A 94 -4.02 -2.51 18.46
CA VAL A 94 -5.02 -3.02 19.38
C VAL A 94 -4.83 -2.49 20.80
N LYS A 95 -3.59 -2.24 21.21
CA LYS A 95 -3.34 -1.73 22.56
C LYS A 95 -3.73 -0.27 22.72
N VAL A 96 -3.61 0.53 21.66
CA VAL A 96 -3.99 1.93 21.74
C VAL A 96 -5.52 1.93 21.84
N LEU A 97 -6.17 1.07 21.07
CA LEU A 97 -7.65 0.99 21.12
C LEU A 97 -8.12 0.60 22.52
N ARG A 98 -7.47 -0.40 23.13
CA ARG A 98 -7.84 -0.85 24.49
C ARG A 98 -7.70 0.31 25.47
N HIS A 99 -6.61 1.05 25.33
CA HIS A 99 -6.39 2.16 26.23
C HIS A 99 -7.48 3.22 26.09
N HIS A 100 -7.70 3.69 24.86
CA HIS A 100 -8.72 4.71 24.69
C HIS A 100 -10.09 4.18 25.04
N HIS A 101 -10.30 2.89 24.83
CA HIS A 101 -11.59 2.32 25.19
C HIS A 101 -11.73 2.44 26.72
N SER A 102 -10.71 1.99 27.45
CA SER A 102 -10.75 2.07 28.91
C SER A 102 -10.97 3.49 29.36
N LYS A 103 -10.44 4.44 28.61
CA LYS A 103 -10.58 5.84 28.97
C LYS A 103 -12.02 6.31 28.86
N LEU A 104 -12.79 5.67 27.99
CA LEU A 104 -14.19 6.01 27.79
C LEU A 104 -15.07 5.37 28.87
N LEU A 105 -14.56 4.32 29.50
CA LEU A 105 -15.29 3.61 30.54
C LEU A 105 -15.33 4.37 31.87
N ALA A 126 -23.46 0.72 27.92
CA ALA A 126 -23.91 2.09 27.70
C ALA A 126 -22.71 3.00 27.43
N VAL A 127 -21.64 2.37 26.94
CA VAL A 127 -20.42 3.10 26.62
C VAL A 127 -20.34 3.20 25.11
N PRO A 128 -19.81 4.32 24.60
CA PRO A 128 -19.71 4.49 23.14
C PRO A 128 -18.83 3.40 22.49
N GLU A 129 -19.08 3.11 21.24
CA GLU A 129 -18.28 2.14 20.51
C GLU A 129 -17.05 2.87 19.90
N LEU A 130 -15.85 2.40 20.23
CA LEU A 130 -14.60 2.98 19.73
C LEU A 130 -14.18 2.30 18.42
N LYS A 131 -14.09 3.06 17.33
CA LYS A 131 -13.71 2.47 16.07
C LYS A 131 -12.45 3.08 15.46
N LEU A 132 -11.68 2.24 14.79
CA LEU A 132 -10.46 2.66 14.14
C LEU A 132 -10.78 3.23 12.76
N LEU A 133 -10.33 4.45 12.52
CA LEU A 133 -10.52 5.11 11.22
C LEU A 133 -9.23 4.89 10.42
N CYS A 134 -9.35 4.40 9.19
CA CYS A 134 -8.17 4.21 8.37
C CYS A 134 -8.51 4.18 6.88
N GLY A 135 -7.48 4.14 6.04
CA GLY A 135 -7.71 4.08 4.60
C GLY A 135 -7.84 2.60 4.20
N ALA A 136 -8.43 2.33 3.05
CA ALA A 136 -8.61 0.95 2.58
C ALA A 136 -7.26 0.24 2.40
N ASP A 137 -6.18 1.00 2.28
CA ASP A 137 -4.86 0.41 2.14
C ASP A 137 -4.42 -0.33 3.41
N VAL A 138 -4.92 0.10 4.57
CA VAL A 138 -4.58 -0.56 5.83
C VAL A 138 -5.24 -1.93 5.82
N LEU A 139 -6.45 -1.97 5.26
CA LEU A 139 -7.22 -3.18 5.15
C LEU A 139 -6.47 -4.24 4.31
N LYS A 140 -5.71 -3.77 3.34
CA LYS A 140 -4.97 -4.70 2.51
C LYS A 140 -3.82 -5.29 3.34
N THR A 141 -3.22 -4.48 4.21
CA THR A 141 -2.08 -4.95 4.99
C THR A 141 -2.43 -6.11 5.91
N PHE A 142 -3.68 -6.23 6.32
CA PHE A 142 -4.06 -7.34 7.18
C PHE A 142 -3.61 -8.65 6.55
N GLN A 143 -3.73 -8.72 5.22
CA GLN A 143 -3.37 -9.91 4.44
C GLN A 143 -1.86 -10.18 4.36
N THR A 144 -1.04 -9.23 4.79
CA THR A 144 0.40 -9.38 4.74
C THR A 144 0.91 -10.32 5.85
N PRO A 145 1.58 -11.41 5.46
CA PRO A 145 2.10 -12.38 6.43
C PRO A 145 3.19 -11.83 7.36
N ASN A 146 3.10 -12.19 8.64
CA ASN A 146 4.07 -11.76 9.66
C ASN A 146 3.90 -10.31 10.06
N LEU A 147 2.82 -9.70 9.61
CA LEU A 147 2.54 -8.30 9.89
C LEU A 147 1.55 -8.14 11.03
N TRP A 148 0.43 -8.84 10.98
CA TRP A 148 -0.59 -8.75 12.02
C TRP A 148 -0.83 -10.08 12.68
N LYS A 149 -1.08 -10.07 13.98
CA LYS A 149 -1.40 -11.31 14.68
C LYS A 149 -2.90 -11.47 14.40
N ASP A 150 -3.31 -12.66 13.97
CA ASP A 150 -4.72 -12.89 13.68
C ASP A 150 -5.59 -12.55 14.89
N ALA A 151 -5.07 -12.82 16.09
CA ALA A 151 -5.81 -12.51 17.30
C ALA A 151 -6.05 -10.99 17.36
N HIS A 152 -5.12 -10.18 16.83
CA HIS A 152 -5.28 -8.72 16.81
C HIS A 152 -6.27 -8.27 15.76
N ILE A 153 -6.22 -8.88 14.59
CA ILE A 153 -7.14 -8.53 13.54
C ILE A 153 -8.55 -8.77 14.03
N GLN A 154 -8.76 -9.92 14.66
CA GLN A 154 -10.06 -10.28 15.18
C GLN A 154 -10.59 -9.36 16.28
N GLU A 155 -9.77 -9.07 17.28
CA GLU A 155 -10.22 -8.19 18.35
C GLU A 155 -10.55 -6.83 17.77
N ILE A 156 -9.73 -6.36 16.84
CA ILE A 156 -9.97 -5.04 16.25
C ILE A 156 -11.33 -4.97 15.52
N VAL A 157 -11.60 -5.90 14.60
CA VAL A 157 -12.87 -5.83 13.89
C VAL A 157 -14.06 -6.28 14.75
N GLU A 158 -13.83 -7.13 15.76
CA GLU A 158 -14.95 -7.58 16.59
C GLU A 158 -15.28 -6.72 17.82
N LYS A 159 -14.28 -6.40 18.62
CA LYS A 159 -14.50 -5.62 19.83
C LYS A 159 -14.53 -4.10 19.62
N PHE A 160 -13.99 -3.64 18.49
CA PHE A 160 -13.99 -2.21 18.24
C PHE A 160 -14.70 -1.81 16.93
N GLY A 161 -14.11 -2.12 15.79
CA GLY A 161 -14.70 -1.77 14.51
C GLY A 161 -13.78 -0.96 13.62
N LEU A 162 -14.04 -0.97 12.31
CA LEU A 162 -13.24 -0.22 11.36
C LEU A 162 -14.10 0.65 10.46
N VAL A 163 -13.67 1.90 10.26
CA VAL A 163 -14.36 2.77 9.32
C VAL A 163 -13.24 3.05 8.32
N CYS A 164 -13.36 2.44 7.14
CA CYS A 164 -12.37 2.61 6.10
C CYS A 164 -12.82 3.60 5.06
N VAL A 165 -11.93 4.52 4.73
CA VAL A 165 -12.23 5.51 3.70
C VAL A 165 -11.49 5.06 2.41
N GLY A 166 -12.19 5.04 1.29
CA GLY A 166 -11.59 4.57 0.05
C GLY A 166 -10.28 5.21 -0.38
N ARG A 167 -9.51 4.45 -1.15
CA ARG A 167 -8.22 4.88 -1.69
C ARG A 167 -8.08 4.29 -3.08
N VAL A 168 -7.65 5.10 -4.04
CA VAL A 168 -7.48 4.63 -5.40
C VAL A 168 -6.52 3.46 -5.44
N SER A 169 -6.85 2.46 -6.25
CA SER A 169 -6.00 1.29 -6.35
C SER A 169 -6.39 0.19 -5.37
N HIS A 170 -7.37 0.46 -4.50
CA HIS A 170 -7.80 -0.53 -3.52
C HIS A 170 -9.24 -0.96 -3.66
N ASP A 171 -9.51 -2.23 -3.39
CA ASP A 171 -10.86 -2.77 -3.49
C ASP A 171 -11.21 -3.38 -2.13
N PRO A 172 -11.57 -2.52 -1.16
CA PRO A 172 -11.94 -2.89 0.21
C PRO A 172 -12.93 -4.04 0.25
N LYS A 173 -13.95 -4.02 -0.61
CA LYS A 173 -14.93 -5.09 -0.63
C LYS A 173 -14.28 -6.44 -0.92
N GLY A 174 -13.33 -6.46 -1.85
CA GLY A 174 -12.62 -7.68 -2.17
C GLY A 174 -11.74 -8.12 -1.00
N TYR A 175 -11.11 -7.16 -0.34
CA TYR A 175 -10.26 -7.47 0.83
C TYR A 175 -11.12 -8.15 1.89
N ILE A 176 -12.28 -7.58 2.15
CA ILE A 176 -13.20 -8.15 3.14
C ILE A 176 -13.66 -9.58 2.76
N ALA A 177 -14.09 -9.78 1.52
CA ALA A 177 -14.58 -11.10 1.12
C ALA A 177 -13.51 -12.19 1.12
N GLU A 178 -12.28 -11.84 0.80
CA GLU A 178 -11.21 -12.84 0.76
C GLU A 178 -10.60 -13.15 2.12
N SER A 179 -10.95 -12.38 3.13
CA SER A 179 -10.42 -12.63 4.46
C SER A 179 -11.49 -13.23 5.36
N PRO A 180 -11.29 -14.48 5.77
CA PRO A 180 -12.26 -15.14 6.65
C PRO A 180 -12.60 -14.33 7.89
N ILE A 181 -11.62 -13.69 8.52
CA ILE A 181 -11.91 -12.94 9.74
C ILE A 181 -12.73 -11.68 9.47
N LEU A 182 -12.36 -10.94 8.41
CA LEU A 182 -13.07 -9.71 8.07
C LEU A 182 -14.47 -10.02 7.62
N ARG A 183 -14.57 -11.07 6.80
CA ARG A 183 -15.86 -11.48 6.28
C ARG A 183 -16.84 -11.87 7.39
N MET A 184 -16.35 -12.56 8.41
CA MET A 184 -17.21 -12.99 9.51
C MET A 184 -17.68 -11.80 10.35
N HIS A 185 -16.86 -10.75 10.41
CA HIS A 185 -17.19 -9.57 11.20
C HIS A 185 -17.42 -8.34 10.34
N GLN A 186 -17.79 -8.55 9.09
CA GLN A 186 -17.96 -7.45 8.17
C GLN A 186 -18.96 -6.40 8.54
N HIS A 187 -19.89 -6.74 9.44
CA HIS A 187 -20.91 -5.78 9.88
C HIS A 187 -20.24 -4.69 10.75
N ASN A 188 -19.04 -4.97 11.23
CA ASN A 188 -18.28 -4.00 12.04
C ASN A 188 -17.25 -3.24 11.18
N ILE A 189 -17.31 -3.42 9.87
CA ILE A 189 -16.40 -2.73 8.97
C ILE A 189 -17.25 -1.83 8.09
N HIS A 190 -17.15 -0.52 8.30
CA HIS A 190 -17.95 0.44 7.54
C HIS A 190 -17.12 1.08 6.41
N LEU A 191 -17.54 0.85 5.18
CA LEU A 191 -16.83 1.40 4.04
C LEU A 191 -17.46 2.73 3.67
N ALA A 192 -16.73 3.81 3.90
CA ALA A 192 -17.24 5.14 3.58
C ALA A 192 -16.97 5.40 2.11
N LYS A 193 -18.04 5.52 1.34
CA LYS A 193 -17.96 5.79 -0.09
C LYS A 193 -18.19 7.28 -0.35
N GLU A 194 -17.11 8.03 -0.47
CA GLU A 194 -17.17 9.47 -0.76
C GLU A 194 -15.73 9.86 -1.02
N PRO A 195 -15.49 10.68 -2.03
CA PRO A 195 -14.10 11.09 -2.30
C PRO A 195 -13.30 11.53 -1.06
N VAL A 196 -12.01 11.20 -1.04
CA VAL A 196 -11.12 11.57 0.05
C VAL A 196 -9.73 11.77 -0.53
N GLN A 197 -9.33 13.03 -0.65
CA GLN A 197 -8.04 13.51 -1.19
C GLN A 197 -6.89 12.47 -1.24
N ASN A 198 -7.04 11.46 -2.08
CA ASN A 198 -6.05 10.39 -2.21
C ASN A 198 -4.88 10.75 -3.12
N GLU A 199 -4.72 12.03 -3.42
CA GLU A 199 -3.61 12.44 -4.25
C GLU A 199 -2.43 12.87 -3.40
N ILE A 200 -2.73 13.47 -2.24
CA ILE A 200 -1.66 13.92 -1.37
C ILE A 200 -1.24 12.90 -0.35
N SER A 201 0.03 12.54 -0.40
CA SER A 201 0.56 11.63 0.60
C SER A 201 1.46 12.54 1.41
N ALA A 202 1.57 12.25 2.69
CA ALA A 202 2.44 12.99 3.55
C ALA A 202 3.87 12.89 2.98
N THR A 203 4.21 11.78 2.31
CA THR A 203 5.55 11.62 1.73
C THR A 203 5.80 12.74 0.72
N TYR A 204 4.81 13.01 -0.14
CA TYR A 204 4.95 14.08 -1.12
C TYR A 204 5.11 15.45 -0.41
N ILE A 205 4.25 15.70 0.58
CA ILE A 205 4.28 16.95 1.35
C ILE A 205 5.69 17.20 1.90
N ARG A 206 6.29 16.19 2.53
CA ARG A 206 7.65 16.33 3.07
C ARG A 206 8.69 16.64 1.98
N ARG A 207 8.60 15.95 0.83
CA ARG A 207 9.55 16.17 -0.26
C ARG A 207 9.42 17.60 -0.80
N ALA A 208 8.18 18.06 -1.00
CA ALA A 208 7.94 19.41 -1.48
C ALA A 208 8.53 20.42 -0.46
N LEU A 209 8.22 20.26 0.82
CA LEU A 209 8.77 21.17 1.83
C LEU A 209 10.31 21.19 1.77
N GLY A 210 10.90 20.02 1.60
CA GLY A 210 12.35 19.92 1.53
C GLY A 210 12.95 20.66 0.36
N GLN A 211 12.21 20.76 -0.74
CA GLN A 211 12.69 21.48 -1.93
C GLN A 211 12.22 22.94 -1.94
N GLY A 212 11.71 23.42 -0.81
CA GLY A 212 11.25 24.80 -0.76
C GLY A 212 9.96 25.10 -1.52
N GLN A 213 9.21 24.07 -1.92
CA GLN A 213 7.96 24.27 -2.62
C GLN A 213 6.81 24.48 -1.66
N SER A 214 5.75 25.11 -2.17
CA SER A 214 4.58 25.37 -1.34
C SER A 214 3.74 24.13 -1.16
N VAL A 215 3.11 24.00 0.01
CA VAL A 215 2.17 22.90 0.27
C VAL A 215 0.89 23.53 0.81
N LYS A 216 0.77 24.84 0.66
CA LYS A 216 -0.44 25.56 1.10
C LYS A 216 -1.65 25.00 0.35
N TYR A 217 -2.76 24.86 1.08
CA TYR A 217 -4.02 24.30 0.60
C TYR A 217 -3.97 22.77 0.50
N LEU A 218 -2.85 22.16 0.95
CA LEU A 218 -2.70 20.70 1.00
C LEU A 218 -2.69 20.27 2.49
N ILE A 219 -2.17 21.14 3.34
CA ILE A 219 -2.17 20.90 4.79
C ILE A 219 -2.58 22.27 5.38
N PRO A 220 -3.16 22.27 6.58
CA PRO A 220 -3.62 23.50 7.21
C PRO A 220 -2.60 24.62 7.32
N ASP A 221 -3.07 25.85 7.11
CA ASP A 221 -2.18 27.02 7.22
C ASP A 221 -1.46 26.99 8.58
N ALA A 222 -2.16 26.60 9.63
CA ALA A 222 -1.55 26.66 10.96
C ALA A 222 -0.40 25.66 11.09
N VAL A 223 -0.47 24.58 10.33
CA VAL A 223 0.60 23.59 10.40
C VAL A 223 1.82 24.11 9.63
N ILE A 224 1.57 24.79 8.51
CA ILE A 224 2.64 25.36 7.69
C ILE A 224 3.41 26.39 8.53
N THR A 225 2.68 27.23 9.26
CA THR A 225 3.30 28.22 10.11
C THR A 225 4.22 27.58 11.16
N TYR A 226 3.75 26.52 11.80
CA TYR A 226 4.57 25.84 12.81
C TYR A 226 5.81 25.23 12.17
N ILE A 227 5.62 24.62 10.99
CA ILE A 227 6.74 24.00 10.30
C ILE A 227 7.82 25.06 10.01
N LYS A 228 7.38 26.21 9.53
CA LYS A 228 8.30 27.28 9.22
C LYS A 228 8.97 27.81 10.50
N ASP A 229 8.18 28.13 11.52
CA ASP A 229 8.73 28.66 12.76
C ASP A 229 9.74 27.73 13.44
N HIS A 230 9.61 26.43 13.25
CA HIS A 230 10.51 25.48 13.90
C HIS A 230 11.47 24.74 12.96
N GLY A 231 11.59 25.28 11.75
CA GLY A 231 12.47 24.71 10.75
C GLY A 231 12.33 23.22 10.55
N LEU A 232 11.10 22.69 10.48
CA LEU A 232 10.91 21.26 10.27
C LEU A 232 10.96 20.91 8.79
N TYR A 233 11.21 19.62 8.52
CA TYR A 233 11.24 19.05 7.17
C TYR A 233 12.28 19.63 6.20
N THR A 234 13.39 20.10 6.75
CA THR A 234 14.49 20.63 5.95
C THR A 234 15.28 19.43 5.42
N LYS A 235 15.92 19.61 4.26
CA LYS A 235 16.71 18.53 3.67
C LYS A 235 18.15 18.58 4.17
N ARG B 4 25.65 0.41 -24.89
CA ARG B 4 24.28 0.22 -24.33
C ARG B 4 24.21 -1.10 -23.58
N ILE B 5 23.91 -1.04 -22.28
CA ILE B 5 23.83 -2.22 -21.43
C ILE B 5 22.56 -3.05 -21.61
N PRO B 6 22.69 -4.37 -21.78
CA PRO B 6 21.51 -5.23 -21.95
C PRO B 6 20.84 -5.38 -20.60
N VAL B 7 19.50 -5.34 -20.61
CA VAL B 7 18.70 -5.43 -19.40
C VAL B 7 17.56 -6.45 -19.53
N VAL B 8 17.37 -7.23 -18.48
CA VAL B 8 16.28 -8.18 -18.42
C VAL B 8 15.44 -7.69 -17.25
N LEU B 9 14.12 -7.62 -17.45
CA LEU B 9 13.21 -7.18 -16.40
C LEU B 9 12.48 -8.37 -15.80
N LEU B 10 12.46 -8.43 -14.48
CA LEU B 10 11.80 -9.51 -13.76
C LEU B 10 10.68 -8.99 -12.89
N ALA B 11 9.46 -9.49 -13.11
CA ALA B 11 8.33 -9.06 -12.26
C ALA B 11 7.83 -10.23 -11.41
N CYS B 12 7.72 -10.01 -10.10
CA CYS B 12 7.22 -11.03 -9.21
C CYS B 12 5.82 -10.61 -8.75
N GLY B 13 5.06 -11.53 -8.18
CA GLY B 13 3.73 -11.19 -7.71
C GLY B 13 2.84 -12.40 -7.84
N SER B 14 1.59 -12.29 -7.49
CA SER B 14 0.74 -13.46 -7.59
C SER B 14 0.08 -13.65 -8.94
N PHE B 15 -0.06 -12.56 -9.70
CA PHE B 15 -0.70 -12.60 -11.02
C PHE B 15 -1.90 -13.52 -10.91
N ASN B 16 -2.83 -13.10 -10.04
CA ASN B 16 -4.03 -13.87 -9.71
C ASN B 16 -5.37 -13.15 -10.02
N PRO B 17 -5.67 -12.90 -11.31
CA PRO B 17 -4.93 -13.19 -12.54
C PRO B 17 -4.10 -12.00 -13.01
N ILE B 18 -3.26 -12.26 -14.00
CA ILE B 18 -2.44 -11.21 -14.60
C ILE B 18 -3.48 -10.27 -15.24
N THR B 19 -3.20 -8.97 -15.23
CA THR B 19 -4.11 -7.98 -15.80
C THR B 19 -3.41 -7.07 -16.82
N ASN B 20 -4.17 -6.20 -17.49
CA ASN B 20 -3.59 -5.29 -18.49
C ASN B 20 -2.59 -4.33 -17.83
N MET B 21 -2.80 -4.04 -16.55
CA MET B 21 -1.89 -3.15 -15.82
C MET B 21 -0.53 -3.80 -15.61
N HIS B 22 -0.54 -5.08 -15.22
CA HIS B 22 0.71 -5.81 -15.01
C HIS B 22 1.48 -5.77 -16.33
N LEU B 23 0.76 -5.97 -17.42
CA LEU B 23 1.35 -6.00 -18.77
C LEU B 23 1.87 -4.63 -19.18
N ARG B 24 1.04 -3.60 -19.05
CA ARG B 24 1.41 -2.23 -19.38
C ARG B 24 2.69 -1.86 -18.60
N MET B 25 2.81 -2.39 -17.39
CA MET B 25 3.97 -2.09 -16.57
C MET B 25 5.29 -2.41 -17.29
N PHE B 26 5.36 -3.53 -18.00
CA PHE B 26 6.58 -3.88 -18.72
C PHE B 26 6.87 -2.89 -19.85
N GLU B 27 5.82 -2.54 -20.60
CA GLU B 27 5.98 -1.63 -21.71
C GLU B 27 6.48 -0.24 -21.30
N VAL B 28 5.93 0.28 -20.21
CA VAL B 28 6.32 1.59 -19.73
C VAL B 28 7.78 1.54 -19.25
N ALA B 29 8.10 0.52 -18.47
CA ALA B 29 9.44 0.35 -17.95
C ALA B 29 10.45 0.26 -19.10
N ARG B 30 10.13 -0.54 -20.12
CA ARG B 30 11.03 -0.69 -21.26
C ARG B 30 11.26 0.63 -22.02
N ASP B 31 10.19 1.34 -22.37
CA ASP B 31 10.36 2.62 -23.06
C ASP B 31 11.18 3.61 -22.20
N HIS B 32 10.97 3.56 -20.89
CA HIS B 32 11.69 4.45 -19.98
C HIS B 32 13.20 4.15 -20.03
N LEU B 33 13.55 2.87 -19.88
CA LEU B 33 14.95 2.46 -19.89
C LEU B 33 15.61 2.81 -21.22
N HIS B 34 14.90 2.64 -22.33
CA HIS B 34 15.46 2.95 -23.63
C HIS B 34 15.65 4.45 -23.80
N GLN B 35 14.72 5.21 -23.23
CA GLN B 35 14.77 6.66 -23.31
C GLN B 35 16.05 7.19 -22.66
N THR B 36 16.51 6.55 -21.60
CA THR B 36 17.74 6.98 -20.92
C THR B 36 18.91 6.87 -21.91
N GLY B 37 18.79 5.95 -22.86
CA GLY B 37 19.82 5.77 -23.85
C GLY B 37 20.94 4.84 -23.44
N MET B 38 21.09 4.57 -22.15
CA MET B 38 22.17 3.69 -21.71
C MET B 38 21.75 2.23 -21.56
N TYR B 39 20.53 1.90 -21.96
CA TYR B 39 20.07 0.52 -21.84
C TYR B 39 19.25 0.02 -23.02
N GLN B 40 19.33 -1.30 -23.22
CA GLN B 40 18.56 -1.98 -24.25
C GLN B 40 17.91 -3.16 -23.54
N VAL B 41 16.59 -3.11 -23.38
CA VAL B 41 15.83 -4.17 -22.72
C VAL B 41 15.70 -5.31 -23.72
N ILE B 42 16.20 -6.48 -23.36
CA ILE B 42 16.14 -7.62 -24.25
C ILE B 42 15.09 -8.66 -23.85
N GLN B 43 14.68 -8.68 -22.58
CA GLN B 43 13.67 -9.65 -22.17
C GLN B 43 12.91 -9.28 -20.90
N GLY B 44 11.66 -9.74 -20.84
CA GLY B 44 10.82 -9.51 -19.69
C GLY B 44 10.45 -10.87 -19.13
N ILE B 45 10.35 -10.97 -17.82
CA ILE B 45 10.01 -12.22 -17.20
C ILE B 45 8.96 -12.08 -16.11
N ILE B 46 7.86 -12.80 -16.30
CA ILE B 46 6.79 -12.80 -15.33
C ILE B 46 6.97 -14.06 -14.48
N SER B 47 7.20 -13.85 -13.20
CA SER B 47 7.42 -14.98 -12.32
C SER B 47 6.38 -15.07 -11.23
N PRO B 48 5.33 -15.89 -11.47
CA PRO B 48 4.26 -16.03 -10.48
C PRO B 48 4.77 -16.65 -9.18
N VAL B 49 4.21 -16.20 -8.08
CA VAL B 49 4.58 -16.70 -6.77
C VAL B 49 4.09 -18.14 -6.63
N ASN B 50 4.81 -18.95 -5.87
CA ASN B 50 4.40 -20.34 -5.69
C ASN B 50 3.18 -20.43 -4.75
N ASP B 51 2.50 -21.56 -4.76
CA ASP B 51 1.30 -21.72 -3.94
C ASP B 51 1.36 -21.72 -2.41
N THR B 52 2.52 -22.06 -1.83
CA THR B 52 2.59 -22.06 -0.37
C THR B 52 2.56 -20.68 0.25
N TYR B 53 2.65 -19.65 -0.60
CA TYR B 53 2.66 -18.26 -0.14
C TYR B 53 1.57 -17.96 0.89
N GLY B 54 1.71 -16.82 1.57
CA GLY B 54 0.76 -16.41 2.59
C GLY B 54 -0.69 -16.30 2.18
N LYS B 55 -1.05 -15.13 1.64
CA LYS B 55 -2.42 -14.79 1.18
C LYS B 55 -3.56 -15.79 1.45
N LYS B 56 -4.42 -16.05 0.46
CA LYS B 56 -5.57 -16.94 0.66
C LYS B 56 -6.09 -17.63 -0.63
N ASP B 57 -7.07 -16.99 -1.27
CA ASP B 57 -7.72 -17.48 -2.49
C ASP B 57 -6.85 -17.48 -3.75
N LEU B 58 -5.62 -17.94 -3.63
CA LEU B 58 -4.71 -17.96 -4.77
C LEU B 58 -5.08 -19.12 -5.69
N ALA B 59 -5.31 -18.84 -6.98
CA ALA B 59 -5.62 -19.92 -7.90
C ALA B 59 -4.34 -20.77 -7.99
N ALA B 60 -4.49 -22.04 -8.35
CA ALA B 60 -3.35 -22.95 -8.46
C ALA B 60 -2.29 -22.32 -9.40
N SER B 61 -1.03 -22.44 -9.01
CA SER B 61 0.09 -21.88 -9.77
C SER B 61 0.11 -22.23 -11.26
N HIS B 62 -0.18 -23.50 -11.60
CA HIS B 62 -0.15 -23.86 -13.02
C HIS B 62 -1.21 -23.05 -13.78
N HIS B 63 -2.32 -22.72 -13.10
CA HIS B 63 -3.39 -21.91 -13.70
C HIS B 63 -2.89 -20.47 -13.94
N ARG B 64 -2.29 -19.87 -12.92
CA ARG B 64 -1.75 -18.51 -13.03
C ARG B 64 -0.62 -18.45 -14.06
N VAL B 65 0.23 -19.47 -14.09
CA VAL B 65 1.32 -19.51 -15.09
C VAL B 65 0.70 -19.65 -16.48
N ALA B 66 -0.33 -20.48 -16.60
CA ALA B 66 -0.96 -20.68 -17.92
C ALA B 66 -1.63 -19.38 -18.42
N MET B 67 -2.28 -18.67 -17.51
CA MET B 67 -2.93 -17.39 -17.87
C MET B 67 -1.90 -16.35 -18.29
N ALA B 68 -0.77 -16.33 -17.59
CA ALA B 68 0.31 -15.37 -17.90
C ALA B 68 0.83 -15.68 -19.30
N ARG B 69 1.02 -16.96 -19.59
CA ARG B 69 1.52 -17.38 -20.91
C ARG B 69 0.53 -16.90 -22.00
N LEU B 70 -0.75 -17.12 -21.76
CA LEU B 70 -1.80 -16.71 -22.72
C LEU B 70 -1.78 -15.19 -22.91
N ALA B 71 -1.64 -14.47 -21.80
CA ALA B 71 -1.62 -12.99 -21.87
C ALA B 71 -0.41 -12.50 -22.66
N LEU B 72 0.66 -13.28 -22.64
CA LEU B 72 1.89 -12.91 -23.32
C LEU B 72 2.09 -13.44 -24.73
N GLN B 73 1.13 -14.21 -25.24
CA GLN B 73 1.28 -14.76 -26.58
C GLN B 73 1.59 -13.68 -27.60
N THR B 74 0.98 -12.51 -27.47
CA THR B 74 1.23 -11.43 -28.43
C THR B 74 2.45 -10.58 -28.14
N SER B 75 3.18 -10.94 -27.10
CA SER B 75 4.39 -10.21 -26.73
C SER B 75 5.59 -10.90 -27.35
N ASP B 76 6.45 -10.16 -28.03
CA ASP B 76 7.62 -10.78 -28.62
C ASP B 76 8.88 -10.64 -27.75
N TRP B 77 8.73 -10.06 -26.55
CA TRP B 77 9.89 -9.90 -25.64
C TRP B 77 9.66 -10.28 -24.17
N ILE B 78 8.40 -10.53 -23.79
CA ILE B 78 8.07 -10.88 -22.41
C ILE B 78 7.61 -12.33 -22.30
N ARG B 79 8.10 -13.05 -21.31
CA ARG B 79 7.69 -14.43 -21.15
C ARG B 79 7.44 -14.77 -19.68
N VAL B 80 6.65 -15.82 -19.44
CA VAL B 80 6.42 -16.24 -18.07
C VAL B 80 7.42 -17.34 -17.78
N ASP B 81 7.96 -17.36 -16.56
CA ASP B 81 8.92 -18.39 -16.20
C ASP B 81 8.39 -19.01 -14.93
N PRO B 82 7.96 -20.27 -15.01
CA PRO B 82 7.38 -21.06 -13.93
C PRO B 82 8.32 -21.52 -12.81
N TRP B 83 9.63 -21.35 -12.98
CA TRP B 83 10.57 -21.83 -11.95
C TRP B 83 10.16 -21.51 -10.52
N GLU B 84 9.98 -20.23 -10.21
CA GLU B 84 9.61 -19.85 -8.83
C GLU B 84 8.33 -20.54 -8.35
N SER B 85 7.33 -20.64 -9.20
CA SER B 85 6.06 -21.24 -8.78
C SER B 85 6.20 -22.75 -8.62
N GLU B 86 7.22 -23.33 -9.25
CA GLU B 86 7.41 -24.77 -9.14
C GLU B 86 8.31 -25.22 -7.99
N GLN B 87 8.87 -24.28 -7.22
CA GLN B 87 9.71 -24.69 -6.10
C GLN B 87 8.86 -25.25 -4.97
N ALA B 88 9.49 -25.97 -4.06
CA ALA B 88 8.79 -26.59 -2.95
C ALA B 88 8.03 -25.56 -2.14
N GLN B 89 8.71 -24.49 -1.78
CA GLN B 89 8.03 -23.47 -0.99
C GLN B 89 8.35 -22.04 -1.40
N TRP B 90 7.58 -21.13 -0.83
CA TRP B 90 7.75 -19.70 -1.09
C TRP B 90 9.22 -19.34 -0.94
N MET B 91 9.65 -18.35 -1.70
CA MET B 91 11.02 -17.89 -1.64
C MET B 91 11.06 -16.38 -1.65
N GLU B 92 12.03 -15.82 -0.93
CA GLU B 92 12.19 -14.38 -0.87
C GLU B 92 12.52 -13.89 -2.27
N THR B 93 12.16 -12.64 -2.56
CA THR B 93 12.42 -12.04 -3.84
C THR B 93 13.88 -12.12 -4.27
N VAL B 94 14.80 -11.77 -3.35
CA VAL B 94 16.23 -11.79 -3.68
C VAL B 94 16.66 -13.14 -4.23
N LYS B 95 16.11 -14.21 -3.67
CA LYS B 95 16.46 -15.54 -4.13
C LYS B 95 15.96 -15.82 -5.54
N VAL B 96 14.82 -15.27 -5.92
CA VAL B 96 14.35 -15.47 -7.28
C VAL B 96 15.27 -14.68 -8.20
N LEU B 97 15.72 -13.51 -7.75
CA LEU B 97 16.62 -12.71 -8.56
C LEU B 97 17.98 -13.42 -8.73
N ARG B 98 18.48 -14.06 -7.68
CA ARG B 98 19.76 -14.79 -7.79
C ARG B 98 19.60 -15.93 -8.81
N HIS B 99 18.56 -16.74 -8.64
CA HIS B 99 18.31 -17.83 -9.59
C HIS B 99 18.37 -17.34 -11.06
N HIS B 100 17.59 -16.30 -11.37
CA HIS B 100 17.58 -15.79 -12.73
C HIS B 100 18.87 -15.13 -13.15
N HIS B 101 19.62 -14.61 -12.19
CA HIS B 101 20.90 -14.02 -12.53
C HIS B 101 21.81 -15.16 -12.99
N SER B 102 21.75 -16.27 -12.26
CA SER B 102 22.54 -17.47 -12.55
C SER B 102 22.21 -18.05 -13.90
N LYS B 103 20.96 -17.90 -14.33
CA LYS B 103 20.57 -18.42 -15.63
C LYS B 103 21.11 -17.51 -16.72
N LEU B 104 21.11 -16.21 -16.48
CA LEU B 104 21.61 -15.28 -17.49
C LEU B 104 23.08 -15.56 -17.78
N LEU B 105 23.85 -15.83 -16.74
CA LEU B 105 25.26 -16.14 -16.87
C LEU B 105 25.38 -17.53 -17.48
N ARG B 106 24.47 -18.43 -17.10
CA ARG B 106 24.44 -19.82 -17.58
C ARG B 106 25.56 -20.66 -16.98
N VAL B 127 27.10 -10.17 -20.37
CA VAL B 127 25.85 -10.58 -19.73
C VAL B 127 25.00 -9.35 -19.38
N PRO B 128 23.67 -9.47 -19.52
CA PRO B 128 22.80 -8.35 -19.21
C PRO B 128 22.53 -8.14 -17.72
N GLU B 129 22.07 -6.94 -17.36
CA GLU B 129 21.75 -6.63 -15.96
C GLU B 129 20.31 -7.02 -15.67
N LEU B 130 20.11 -7.73 -14.57
CA LEU B 130 18.78 -8.16 -14.17
C LEU B 130 18.22 -7.16 -13.16
N LYS B 131 17.05 -6.59 -13.49
CA LYS B 131 16.41 -5.63 -12.62
C LYS B 131 14.99 -6.07 -12.25
N LEU B 132 14.63 -5.80 -11.00
CA LEU B 132 13.31 -6.13 -10.50
C LEU B 132 12.33 -5.02 -11.00
N LEU B 133 11.18 -5.44 -11.51
CA LEU B 133 10.19 -4.50 -12.00
C LEU B 133 9.01 -4.54 -11.05
N CYS B 134 8.60 -3.37 -10.56
CA CYS B 134 7.46 -3.33 -9.64
C CYS B 134 6.81 -1.95 -9.65
N GLY B 135 5.67 -1.82 -8.98
CA GLY B 135 5.02 -0.54 -8.91
C GLY B 135 5.56 0.24 -7.74
N ALA B 136 5.33 1.55 -7.75
CA ALA B 136 5.76 2.44 -6.69
C ALA B 136 5.25 1.95 -5.33
N ASP B 137 4.11 1.27 -5.33
CA ASP B 137 3.59 0.77 -4.06
C ASP B 137 4.55 -0.20 -3.37
N VAL B 138 5.32 -0.95 -4.16
CA VAL B 138 6.26 -1.90 -3.59
C VAL B 138 7.31 -1.17 -2.80
N LEU B 139 7.79 -0.04 -3.32
CA LEU B 139 8.81 0.77 -2.65
C LEU B 139 8.36 1.22 -1.28
N LYS B 140 7.06 1.50 -1.14
CA LYS B 140 6.55 1.91 0.15
C LYS B 140 6.59 0.74 1.15
N THR B 141 6.45 -0.49 0.68
CA THR B 141 6.47 -1.64 1.59
C THR B 141 7.86 -1.88 2.19
N PHE B 142 8.89 -1.30 1.57
CA PHE B 142 10.26 -1.44 2.08
C PHE B 142 10.38 -0.87 3.51
N GLN B 143 9.49 0.05 3.86
CA GLN B 143 9.52 0.71 5.17
C GLN B 143 8.77 -0.07 6.23
N THR B 144 7.89 -0.96 5.80
CA THR B 144 7.10 -1.74 6.74
C THR B 144 7.99 -2.53 7.69
N PRO B 145 7.90 -2.24 9.00
CA PRO B 145 8.71 -2.94 9.99
C PRO B 145 8.59 -4.47 9.94
N ASN B 146 9.73 -5.14 9.99
CA ASN B 146 9.77 -6.59 9.97
C ASN B 146 9.13 -7.22 8.72
N LEU B 147 9.12 -6.51 7.60
CA LEU B 147 8.55 -7.05 6.37
C LEU B 147 9.65 -7.40 5.36
N TRP B 148 10.69 -6.58 5.29
CA TRP B 148 11.81 -6.83 4.40
C TRP B 148 13.08 -6.75 5.21
N LYS B 149 14.07 -7.53 4.83
CA LYS B 149 15.34 -7.47 5.52
C LYS B 149 16.13 -6.39 4.78
N ASP B 150 16.78 -5.51 5.54
CA ASP B 150 17.58 -4.45 4.95
C ASP B 150 18.62 -5.04 4.00
N ALA B 151 19.25 -6.14 4.41
CA ALA B 151 20.27 -6.80 3.59
C ALA B 151 19.71 -7.11 2.20
N HIS B 152 18.45 -7.58 2.15
CA HIS B 152 17.81 -7.88 0.87
C HIS B 152 17.53 -6.61 0.05
N ILE B 153 17.00 -5.57 0.70
CA ILE B 153 16.74 -4.33 -0.02
C ILE B 153 18.05 -3.83 -0.61
N GLN B 154 19.11 -3.88 0.19
CA GLN B 154 20.43 -3.44 -0.28
C GLN B 154 20.90 -4.28 -1.47
N GLU B 155 20.80 -5.60 -1.36
CA GLU B 155 21.24 -6.45 -2.47
C GLU B 155 20.45 -6.14 -3.76
N ILE B 156 19.14 -5.97 -3.63
CA ILE B 156 18.31 -5.66 -4.77
C ILE B 156 18.77 -4.41 -5.55
N VAL B 157 19.05 -3.33 -4.83
CA VAL B 157 19.45 -2.10 -5.49
C VAL B 157 20.95 -1.97 -5.68
N GLU B 158 21.72 -2.83 -5.02
CA GLU B 158 23.17 -2.76 -5.17
C GLU B 158 23.74 -3.81 -6.15
N LYS B 159 23.28 -5.05 -6.03
CA LYS B 159 23.71 -6.13 -6.91
C LYS B 159 22.89 -6.13 -8.19
N PHE B 160 21.59 -5.89 -8.07
CA PHE B 160 20.75 -5.86 -9.26
C PHE B 160 20.27 -4.44 -9.45
N GLY B 161 18.99 -4.28 -9.74
CA GLY B 161 18.47 -2.95 -9.93
C GLY B 161 16.97 -2.94 -9.70
N LEU B 162 16.41 -1.75 -9.71
CA LEU B 162 15.00 -1.61 -9.45
C LEU B 162 14.41 -0.63 -10.44
N VAL B 163 13.36 -1.06 -11.14
CA VAL B 163 12.66 -0.19 -12.07
C VAL B 163 11.25 -0.12 -11.49
N CYS B 164 10.87 1.10 -11.18
CA CYS B 164 9.61 1.42 -10.54
C CYS B 164 8.64 2.10 -11.48
N VAL B 165 7.41 1.58 -11.57
CA VAL B 165 6.40 2.22 -12.43
C VAL B 165 5.45 2.97 -11.48
N GLY B 166 5.09 4.18 -11.85
CA GLY B 166 4.25 5.00 -11.00
C GLY B 166 2.85 4.47 -10.71
N ARG B 167 2.36 4.78 -9.52
CA ARG B 167 1.03 4.36 -9.14
C ARG B 167 0.40 5.49 -8.31
N VAL B 168 -0.88 5.76 -8.58
CA VAL B 168 -1.67 6.81 -7.93
C VAL B 168 -1.54 6.77 -6.43
N SER B 169 -1.24 7.93 -5.85
CA SER B 169 -1.13 8.02 -4.41
C SER B 169 0.27 7.74 -3.89
N HIS B 170 1.19 7.38 -4.78
CA HIS B 170 2.55 7.10 -4.32
C HIS B 170 3.58 8.09 -4.78
N ASP B 171 4.51 8.41 -3.88
CA ASP B 171 5.57 9.36 -4.20
C ASP B 171 6.93 8.65 -4.12
N PRO B 172 7.29 7.90 -5.18
CA PRO B 172 8.54 7.14 -5.33
C PRO B 172 9.78 7.96 -4.93
N LYS B 173 9.89 9.18 -5.43
CA LYS B 173 11.04 10.03 -5.10
C LYS B 173 11.20 10.22 -3.58
N GLY B 174 10.08 10.37 -2.87
CA GLY B 174 10.15 10.53 -1.42
C GLY B 174 10.52 9.22 -0.73
N TYR B 175 10.04 8.10 -1.27
CA TYR B 175 10.37 6.80 -0.70
C TYR B 175 11.88 6.62 -0.78
N ILE B 176 12.43 6.95 -1.94
CA ILE B 176 13.87 6.84 -2.17
C ILE B 176 14.66 7.76 -1.25
N ALA B 177 14.29 9.04 -1.19
CA ALA B 177 15.00 10.01 -0.35
C ALA B 177 14.96 9.69 1.14
N GLU B 178 13.88 9.09 1.61
CA GLU B 178 13.75 8.79 3.03
C GLU B 178 14.33 7.45 3.48
N SER B 179 14.80 6.64 2.54
CA SER B 179 15.38 5.35 2.89
C SER B 179 16.91 5.46 2.82
N PRO B 180 17.58 5.30 3.98
CA PRO B 180 19.04 5.40 3.99
C PRO B 180 19.72 4.43 3.01
N ILE B 181 19.05 3.31 2.72
CA ILE B 181 19.59 2.32 1.78
C ILE B 181 19.34 2.71 0.32
N LEU B 182 18.08 3.03 0.01
CA LEU B 182 17.73 3.39 -1.36
C LEU B 182 18.41 4.64 -1.86
N ARG B 183 18.48 5.69 -1.04
CA ARG B 183 19.09 6.93 -1.52
C ARG B 183 20.57 6.77 -1.85
N MET B 184 21.17 5.70 -1.35
CA MET B 184 22.58 5.40 -1.61
C MET B 184 22.79 4.68 -2.94
N HIS B 185 21.72 4.19 -3.55
CA HIS B 185 21.85 3.44 -4.79
C HIS B 185 20.95 3.96 -5.92
N GLN B 186 20.77 5.27 -5.96
CA GLN B 186 19.91 5.90 -6.95
C GLN B 186 20.24 5.64 -8.41
N HIS B 187 21.49 5.28 -8.70
CA HIS B 187 21.89 4.99 -10.06
C HIS B 187 21.21 3.71 -10.56
N ASN B 188 20.90 2.80 -9.64
CA ASN B 188 20.29 1.52 -9.99
C ASN B 188 18.77 1.47 -9.80
N ILE B 189 18.16 2.62 -9.47
CA ILE B 189 16.74 2.69 -9.27
C ILE B 189 16.18 3.58 -10.36
N HIS B 190 15.29 3.03 -11.16
CA HIS B 190 14.73 3.81 -12.25
C HIS B 190 13.24 4.05 -12.05
N LEU B 191 12.87 5.32 -11.99
CA LEU B 191 11.50 5.71 -11.83
C LEU B 191 10.88 5.97 -13.20
N ALA B 192 9.94 5.13 -13.59
CA ALA B 192 9.25 5.27 -14.87
C ALA B 192 7.88 5.84 -14.54
N LYS B 193 7.58 7.00 -15.09
CA LYS B 193 6.31 7.69 -14.88
C LYS B 193 5.19 7.03 -15.70
N GLU B 194 4.02 6.91 -15.10
CA GLU B 194 2.87 6.31 -15.78
C GLU B 194 1.84 7.40 -16.06
N PRO B 195 1.98 8.10 -17.19
CA PRO B 195 1.06 9.19 -17.60
C PRO B 195 -0.42 8.77 -17.71
N VAL B 196 -0.67 7.47 -17.81
CA VAL B 196 -2.03 6.94 -17.93
C VAL B 196 -2.46 6.28 -16.64
N GLN B 197 -3.50 6.80 -15.98
CA GLN B 197 -3.98 6.17 -14.75
C GLN B 197 -4.76 4.90 -15.07
N ASN B 198 -4.03 3.85 -15.43
CA ASN B 198 -4.58 2.55 -15.80
C ASN B 198 -4.50 1.63 -14.57
N GLU B 199 -5.04 2.12 -13.46
CA GLU B 199 -4.99 1.35 -12.21
C GLU B 199 -6.12 0.37 -11.90
N ILE B 200 -5.86 -0.87 -12.29
CA ILE B 200 -6.75 -2.00 -12.14
C ILE B 200 -6.17 -2.83 -11.01
N SER B 201 -6.97 -3.28 -10.05
CA SER B 201 -6.41 -4.16 -9.03
C SER B 201 -6.97 -5.55 -9.28
N ALA B 202 -6.10 -6.56 -9.19
CA ALA B 202 -6.55 -7.93 -9.39
C ALA B 202 -7.68 -8.27 -8.38
N THR B 203 -7.66 -7.65 -7.20
CA THR B 203 -8.71 -7.94 -6.21
C THR B 203 -10.07 -7.58 -6.79
N TYR B 204 -10.15 -6.43 -7.46
CA TYR B 204 -11.41 -6.02 -8.06
C TYR B 204 -11.78 -6.99 -9.19
N ILE B 205 -10.77 -7.43 -9.95
CA ILE B 205 -10.98 -8.38 -11.06
C ILE B 205 -11.64 -9.66 -10.53
N ARG B 206 -11.07 -10.20 -9.47
CA ARG B 206 -11.62 -11.42 -8.88
C ARG B 206 -13.02 -11.22 -8.34
N ARG B 207 -13.24 -10.11 -7.62
CA ARG B 207 -14.58 -9.85 -7.07
C ARG B 207 -15.59 -9.68 -8.20
N ALA B 208 -15.24 -8.91 -9.23
CA ALA B 208 -16.16 -8.74 -10.35
C ALA B 208 -16.51 -10.09 -10.98
N LEU B 209 -15.51 -10.93 -11.22
CA LEU B 209 -15.77 -12.24 -11.83
C LEU B 209 -16.69 -13.05 -10.92
N GLY B 210 -16.43 -12.98 -9.62
CA GLY B 210 -17.26 -13.70 -8.67
C GLY B 210 -18.71 -13.28 -8.79
N GLN B 211 -18.98 -12.00 -9.06
CA GLN B 211 -20.36 -11.51 -9.17
C GLN B 211 -20.94 -11.65 -10.57
N GLY B 212 -20.20 -12.34 -11.45
CA GLY B 212 -20.65 -12.54 -12.81
C GLY B 212 -20.57 -11.30 -13.70
N GLN B 213 -19.78 -10.33 -13.29
CA GLN B 213 -19.63 -9.11 -14.08
C GLN B 213 -18.44 -9.25 -15.06
N SER B 214 -18.47 -8.42 -16.09
CA SER B 214 -17.44 -8.37 -17.12
C SER B 214 -16.15 -7.70 -16.67
N VAL B 215 -15.02 -8.23 -17.14
CA VAL B 215 -13.71 -7.66 -16.89
C VAL B 215 -13.04 -7.56 -18.25
N LYS B 216 -13.85 -7.69 -19.29
CA LYS B 216 -13.32 -7.57 -20.65
C LYS B 216 -12.69 -6.19 -20.83
N TYR B 217 -11.55 -6.15 -21.51
CA TYR B 217 -10.79 -4.94 -21.75
C TYR B 217 -10.02 -4.43 -20.51
N LEU B 218 -10.06 -5.20 -19.43
CA LEU B 218 -9.31 -4.93 -18.20
C LEU B 218 -8.17 -6.00 -18.12
N ILE B 219 -8.45 -7.20 -18.63
CA ILE B 219 -7.45 -8.28 -18.72
C ILE B 219 -7.61 -8.87 -20.13
N PRO B 220 -6.59 -9.58 -20.64
CA PRO B 220 -6.68 -10.16 -22.00
C PRO B 220 -7.84 -11.10 -22.27
N ASP B 221 -8.35 -11.08 -23.50
CA ASP B 221 -9.47 -11.95 -23.87
C ASP B 221 -9.14 -13.42 -23.63
N ALA B 222 -7.91 -13.83 -23.93
CA ALA B 222 -7.53 -15.23 -23.76
C ALA B 222 -7.52 -15.63 -22.30
N VAL B 223 -7.24 -14.68 -21.41
CA VAL B 223 -7.23 -14.99 -19.98
C VAL B 223 -8.67 -15.15 -19.49
N ILE B 224 -9.56 -14.33 -20.02
CA ILE B 224 -10.98 -14.39 -19.64
C ILE B 224 -11.54 -15.76 -20.09
N THR B 225 -11.19 -16.17 -21.32
CA THR B 225 -11.63 -17.47 -21.82
C THR B 225 -11.07 -18.59 -20.96
N TYR B 226 -9.79 -18.50 -20.60
CA TYR B 226 -9.19 -19.54 -19.76
C TYR B 226 -9.93 -19.66 -18.43
N ILE B 227 -10.15 -18.51 -17.79
CA ILE B 227 -10.85 -18.46 -16.51
C ILE B 227 -12.21 -19.14 -16.57
N LYS B 228 -12.96 -18.81 -17.61
CA LYS B 228 -14.29 -19.40 -17.79
C LYS B 228 -14.13 -20.92 -17.97
N ASP B 229 -13.28 -21.33 -18.90
CA ASP B 229 -13.07 -22.75 -19.15
C ASP B 229 -12.70 -23.56 -17.91
N HIS B 230 -11.97 -22.96 -17.00
CA HIS B 230 -11.53 -23.69 -15.83
C HIS B 230 -12.27 -23.34 -14.56
N GLY B 231 -13.42 -22.68 -14.69
CA GLY B 231 -14.22 -22.31 -13.54
C GLY B 231 -13.45 -21.61 -12.43
N LEU B 232 -12.56 -20.69 -12.79
CA LEU B 232 -11.79 -19.96 -11.78
C LEU B 232 -12.54 -18.74 -11.24
N TYR B 233 -12.14 -18.31 -10.04
CA TYR B 233 -12.73 -17.14 -9.39
C TYR B 233 -14.26 -17.08 -9.37
N THR B 234 -14.91 -18.19 -9.06
CA THR B 234 -16.37 -18.22 -8.98
C THR B 234 -16.81 -18.18 -7.52
S SO4 C . -1.74 -9.11 23.53
O1 SO4 C . -0.91 -9.13 22.31
O2 SO4 C . -1.67 -7.77 24.14
O3 SO4 C . -3.15 -9.38 23.20
O4 SO4 C . -1.23 -10.11 24.52
S SO4 D . 3.68 8.58 6.26
O1 SO4 D . 3.34 7.35 6.98
O2 SO4 D . 3.78 8.34 4.83
O3 SO4 D . 2.66 9.58 6.45
O4 SO4 D . 5.00 9.08 6.71
S SO4 E . 20.19 -14.86 2.62
O1 SO4 E . 18.85 -14.94 3.24
O2 SO4 E . 20.21 -15.67 1.39
O3 SO4 E . 20.51 -13.49 2.25
O4 SO4 E . 21.22 -15.42 3.56
S SO4 F . -3.20 -9.44 -5.48
O1 SO4 F . -2.56 -8.37 -6.25
O2 SO4 F . -4.23 -8.86 -4.62
O3 SO4 F . -3.85 -10.41 -6.36
O4 SO4 F . -2.17 -10.11 -4.62
S SO4 G . -18.71 -1.90 -7.02
O1 SO4 G . -17.35 -1.39 -7.22
O2 SO4 G . -18.99 -2.03 -5.59
O3 SO4 G . -19.70 -0.97 -7.59
O4 SO4 G . -18.86 -3.27 -7.65
#